data_5DGB
#
_entry.id   5DGB
#
_cell.length_a   98.660
_cell.length_b   98.660
_cell.length_c   82.004
_cell.angle_alpha   90.00
_cell.angle_beta   90.00
_cell.angle_gamma   120.00
#
_symmetry.space_group_name_H-M   'P 61'
#
loop_
_entity.id
_entity.type
_entity.pdbx_description
1 polymer 'DNA polymerase eta'
2 polymer "DNA (5'-D(*CP*AP*TP*AP*(EDA)P*TP*GP*AP*CP*GP*CP*T)-3')"
3 polymer "DNA (5'-D(*AP*GP*CP*GP*TP*CP*AP*A)-3')"
4 non-polymer 'MAGNESIUM ION'
5 non-polymer GLYCEROL
6 non-polymer "5'-O-[(R)-hydroxy{[(R)-hydroxy(phosphonooxy)phosphoryl]amino}phosphoryl]thymidine"
7 water water
#
loop_
_entity_poly.entity_id
_entity_poly.type
_entity_poly.pdbx_seq_one_letter_code
_entity_poly.pdbx_strand_id
1 'polypeptide(L)'
;GPHMATGQDRVVALVDMDCFFVQVEQRQNPHLRNKPCAVVQYKSWKGGGIIAVSYEARAFGVTRSMWADDAKKLCPDLLL
AQVRESRGKANLTKYREASVEVMEIMSRFAVIERASIDEAYVDLTSAVQERLQKLQGQPISADLLPSTYIEGLPQGPTTA
EETVQKEGMRKQGLFQWLDSLQIDNLTSPDLQLTVGAVIVEEMRAAIERETGFQCSAGISHNKVLAKLACGLNKPNRQTL
VSHGSVPQLFSQMPIRKIRSLGGKLGASVIEILGIEYMGELTQFTESQLQSHFGEKNGSWLYAMCRGIEHDPVKPRQLPK
TIGCSKNFPGKTALATREQVQWWLLQLAQELEERLTKDRNDNDRVATQLVVSIRVQGDKRLSSLRRCCALTRYDAHKMSH
DAFTVIKNCNTSGIQTEWSPPLTMLFLCATKFSAS
;
A
2 'polydeoxyribonucleotide' (DC)(DA)(DT)(DA)(EDA)(DT)(DG)(DA)(DC)(DG)(DC)(DT) T
3 'polydeoxyribonucleotide' (DA)(DG)(DC)(DG)(DT)(DC)(DA)(DA) P
#
# COMPACT_ATOMS: atom_id res chain seq x y z
N GLY A 1 2.94 33.76 13.02
CA GLY A 1 3.96 34.38 12.19
C GLY A 1 5.27 33.62 12.19
N PRO A 2 6.31 34.19 12.84
CA PRO A 2 7.68 33.66 12.85
C PRO A 2 7.89 32.38 13.69
N HIS A 3 6.85 31.91 14.37
CA HIS A 3 7.00 30.69 15.17
C HIS A 3 6.01 29.62 14.75
N MET A 4 5.22 29.91 13.73
CA MET A 4 4.24 28.95 13.22
C MET A 4 4.94 27.94 12.31
N ALA A 5 5.03 26.71 12.80
CA ALA A 5 5.64 25.64 12.03
C ALA A 5 4.80 25.34 10.80
N THR A 6 5.46 25.08 9.66
CA THR A 6 4.72 24.91 8.42
C THR A 6 4.81 23.50 7.85
N GLY A 7 5.44 22.58 8.59
CA GLY A 7 5.58 21.21 8.13
C GLY A 7 6.32 21.09 6.80
N GLN A 8 7.38 21.88 6.64
CA GLN A 8 8.15 21.85 5.40
C GLN A 8 9.59 21.37 5.61
N ASP A 9 9.80 20.64 6.70
CA ASP A 9 11.14 20.25 7.13
C ASP A 9 11.72 19.03 6.40
N ARG A 10 10.87 18.24 5.76
CA ARG A 10 11.31 16.99 5.15
C ARG A 10 10.93 16.92 3.68
N VAL A 11 11.64 16.09 2.91
CA VAL A 11 11.19 15.74 1.57
C VAL A 11 10.88 14.25 1.60
N VAL A 12 9.61 13.90 1.38
CA VAL A 12 9.14 12.53 1.46
C VAL A 12 8.47 12.14 0.13
N ALA A 13 8.78 10.94 -0.35
CA ALA A 13 8.13 10.43 -1.54
C ALA A 13 7.40 9.14 -1.22
N LEU A 14 6.37 8.85 -2.00
CA LEU A 14 5.68 7.55 -1.95
C LEU A 14 5.70 7.01 -3.37
N VAL A 15 6.35 5.84 -3.55
CA VAL A 15 6.44 5.22 -4.87
C VAL A 15 5.51 4.03 -4.87
N ASP A 16 4.56 4.01 -5.80
CA ASP A 16 3.58 2.91 -5.90
C ASP A 16 3.53 2.29 -7.30
N MET A 17 3.70 0.99 -7.38
CA MET A 17 3.70 0.31 -8.68
C MET A 17 2.33 0.38 -9.36
N ASP A 18 2.33 0.62 -10.67
CA ASP A 18 1.08 0.62 -11.43
C ASP A 18 0.60 -0.80 -11.64
N CYS A 19 -0.71 -1.01 -11.48
CA CYS A 19 -1.37 -2.33 -11.55
C CYS A 19 -0.39 -3.49 -11.34
N PHE A 20 0.15 -3.58 -10.13
CA PHE A 20 1.38 -4.33 -9.90
C PHE A 20 1.32 -5.80 -10.29
N PHE A 21 0.35 -6.56 -9.77
CA PHE A 21 0.34 -8.01 -10.05
C PHE A 21 0.14 -8.23 -11.56
N VAL A 22 -0.61 -7.34 -12.21
CA VAL A 22 -0.79 -7.41 -13.67
C VAL A 22 0.56 -7.21 -14.39
N GLN A 23 1.32 -6.20 -14.00
CA GLN A 23 2.61 -5.99 -14.64
C GLN A 23 3.55 -7.19 -14.43
N VAL A 24 3.48 -7.82 -13.27
CA VAL A 24 4.32 -9.01 -13.04
C VAL A 24 3.96 -10.10 -14.06
N GLU A 25 2.66 -10.31 -14.25
CA GLU A 25 2.21 -11.32 -15.21
C GLU A 25 2.47 -10.91 -16.68
N GLN A 26 2.39 -9.60 -16.98
CA GLN A 26 2.68 -9.15 -18.34
C GLN A 26 4.18 -9.21 -18.68
N ARG A 27 5.03 -9.01 -17.69
CA ARG A 27 6.46 -9.16 -17.94
C ARG A 27 6.72 -10.61 -18.35
N GLN A 28 6.08 -11.52 -17.63
CA GLN A 28 6.32 -12.95 -17.83
C GLN A 28 5.74 -13.45 -19.13
N ASN A 29 4.56 -12.93 -19.49
CA ASN A 29 3.87 -13.36 -20.69
C ASN A 29 3.61 -12.15 -21.62
N PRO A 30 4.50 -11.95 -22.63
CA PRO A 30 4.39 -10.84 -23.56
C PRO A 30 3.02 -10.74 -24.27
N HIS A 31 2.32 -11.86 -24.42
CA HIS A 31 0.98 -11.83 -25.01
C HIS A 31 -0.02 -10.98 -24.22
N LEU A 32 0.26 -10.72 -22.95
CA LEU A 32 -0.65 -9.95 -22.10
C LEU A 32 -0.37 -8.44 -22.11
N ARG A 33 0.76 -8.05 -22.70
CA ARG A 33 1.20 -6.66 -22.63
C ARG A 33 0.32 -5.72 -23.44
N ASN A 34 0.06 -4.55 -22.87
CA ASN A 34 -0.70 -3.48 -23.53
C ASN A 34 -2.07 -3.94 -23.96
N LYS A 35 -2.67 -4.78 -23.14
CA LYS A 35 -4.02 -5.27 -23.41
C LYS A 35 -4.86 -5.15 -22.15
N PRO A 36 -6.21 -5.15 -22.31
CA PRO A 36 -7.04 -5.27 -21.11
C PRO A 36 -6.77 -6.63 -20.47
N CYS A 37 -6.30 -6.63 -19.24
N CYS A 37 -6.30 -6.60 -19.22
CA CYS A 37 -6.10 -7.87 -18.55
CA CYS A 37 -5.80 -7.79 -18.51
C CYS A 37 -6.18 -7.69 -17.06
C CYS A 37 -6.14 -7.67 -17.02
N ALA A 38 -6.41 -8.80 -16.36
CA ALA A 38 -6.61 -8.81 -14.93
C ALA A 38 -5.98 -10.05 -14.35
N VAL A 39 -5.62 -9.98 -13.06
CA VAL A 39 -5.17 -11.15 -12.30
C VAL A 39 -6.31 -11.64 -11.42
N VAL A 40 -6.51 -12.96 -11.45
CA VAL A 40 -7.63 -13.60 -10.76
CA VAL A 40 -7.63 -13.61 -10.79
C VAL A 40 -7.14 -14.70 -9.82
N GLN A 41 -7.88 -14.92 -8.73
CA GLN A 41 -7.55 -16.07 -7.90
C GLN A 41 -8.74 -17.00 -7.81
N TYR A 42 -8.40 -18.28 -7.86
N TYR A 42 -8.53 -18.31 -7.97
CA TYR A 42 -9.33 -19.37 -8.03
CA TYR A 42 -9.59 -19.35 -7.83
C TYR A 42 -10.01 -19.16 -9.38
C TYR A 42 -10.69 -19.42 -8.93
N LYS A 43 -10.49 -20.24 -9.96
CA LYS A 43 -11.22 -20.10 -11.22
C LYS A 43 -12.64 -20.66 -11.18
N SER A 44 -12.91 -21.56 -10.25
CA SER A 44 -14.14 -22.33 -10.28
C SER A 44 -15.39 -21.53 -9.91
N TRP A 45 -15.28 -20.61 -8.96
CA TRP A 45 -16.43 -19.83 -8.54
C TRP A 45 -16.49 -18.55 -9.34
N LYS A 46 -17.41 -18.51 -10.31
CA LYS A 46 -17.72 -17.33 -11.11
C LYS A 46 -16.51 -16.80 -11.88
N GLY A 47 -15.61 -17.71 -12.22
CA GLY A 47 -14.46 -17.39 -13.06
C GLY A 47 -13.26 -16.92 -12.26
N GLY A 48 -13.46 -16.78 -10.96
CA GLY A 48 -12.41 -16.27 -10.09
C GLY A 48 -12.61 -14.85 -9.64
N GLY A 49 -11.92 -14.48 -8.56
CA GLY A 49 -12.02 -13.13 -8.03
C GLY A 49 -10.86 -12.28 -8.54
N ILE A 50 -11.17 -11.10 -9.07
CA ILE A 50 -10.16 -10.23 -9.64
C ILE A 50 -9.44 -9.48 -8.53
N ILE A 51 -8.11 -9.50 -8.55
CA ILE A 51 -7.40 -8.74 -7.52
C ILE A 51 -6.51 -7.63 -8.09
N ALA A 52 -6.33 -7.60 -9.41
CA ALA A 52 -5.59 -6.50 -10.06
C ALA A 52 -6.02 -6.33 -11.50
N VAL A 53 -6.01 -5.08 -11.99
CA VAL A 53 -6.61 -4.73 -13.28
C VAL A 53 -5.74 -3.77 -14.08
N SER A 54 -5.44 -4.09 -15.34
CA SER A 54 -4.61 -3.20 -16.15
C SER A 54 -5.41 -1.94 -16.48
N TYR A 55 -4.71 -0.86 -16.80
CA TYR A 55 -5.41 0.40 -17.05
C TYR A 55 -6.30 0.30 -18.29
N GLU A 56 -5.89 -0.48 -19.29
CA GLU A 56 -6.76 -0.73 -20.45
C GLU A 56 -8.09 -1.38 -20.07
N ALA A 57 -8.05 -2.29 -19.10
CA ALA A 57 -9.28 -2.96 -18.66
C ALA A 57 -10.11 -2.05 -17.76
N ARG A 58 -9.44 -1.17 -17.02
CA ARG A 58 -10.16 -0.23 -16.15
C ARG A 58 -11.08 0.68 -16.96
N ALA A 59 -10.68 0.94 -18.21
CA ALA A 59 -11.46 1.83 -19.06
C ALA A 59 -12.78 1.18 -19.46
N PHE A 60 -12.89 -0.15 -19.30
CA PHE A 60 -14.16 -0.84 -19.52
C PHE A 60 -15.00 -0.94 -18.24
N GLY A 61 -14.46 -0.46 -17.13
CA GLY A 61 -15.15 -0.51 -15.85
C GLY A 61 -14.81 -1.73 -15.01
N VAL A 62 -13.78 -2.48 -15.43
CA VAL A 62 -13.35 -3.64 -14.65
C VAL A 62 -12.66 -3.15 -13.38
N THR A 63 -13.01 -3.74 -12.23
CA THR A 63 -12.43 -3.37 -10.96
C THR A 63 -12.01 -4.57 -10.13
N ARG A 64 -11.14 -4.35 -9.16
CA ARG A 64 -10.83 -5.34 -8.14
C ARG A 64 -12.13 -5.76 -7.43
N SER A 65 -12.18 -7.03 -7.05
CA SER A 65 -13.27 -7.68 -6.30
C SER A 65 -14.40 -8.17 -7.20
N MET A 66 -14.39 -7.74 -8.45
CA MET A 66 -15.32 -8.25 -9.45
C MET A 66 -15.05 -9.73 -9.69
N TRP A 67 -16.11 -10.50 -9.92
CA TRP A 67 -15.92 -11.87 -10.42
C TRP A 67 -15.50 -11.80 -11.88
N ALA A 68 -14.62 -12.70 -12.30
CA ALA A 68 -14.12 -12.67 -13.67
C ALA A 68 -15.25 -12.86 -14.68
N ASP A 69 -16.23 -13.71 -14.35
CA ASP A 69 -17.37 -13.92 -15.25
C ASP A 69 -18.11 -12.60 -15.48
N ASP A 70 -18.22 -11.77 -14.45
CA ASP A 70 -18.88 -10.49 -14.58
C ASP A 70 -17.99 -9.48 -15.30
N ALA A 71 -16.68 -9.48 -15.01
CA ALA A 71 -15.78 -8.59 -15.70
C ALA A 71 -15.79 -8.85 -17.21
N LYS A 72 -15.95 -10.10 -17.60
CA LYS A 72 -16.02 -10.47 -19.01
C LYS A 72 -17.27 -9.90 -19.70
N LYS A 73 -18.30 -9.60 -18.92
CA LYS A 73 -19.51 -9.00 -19.49
C LYS A 73 -19.25 -7.54 -19.86
N LEU A 74 -18.44 -6.85 -19.06
CA LEU A 74 -18.04 -5.47 -19.37
C LEU A 74 -16.97 -5.42 -20.45
N CYS A 75 -16.13 -6.45 -20.48
CA CYS A 75 -14.92 -6.45 -21.31
C CYS A 75 -14.69 -7.85 -21.91
N PRO A 76 -15.42 -8.17 -22.99
CA PRO A 76 -15.38 -9.52 -23.57
C PRO A 76 -13.98 -9.99 -23.98
N ASP A 77 -13.10 -9.06 -24.35
CA ASP A 77 -11.73 -9.41 -24.73
C ASP A 77 -10.74 -9.41 -23.58
N LEU A 78 -11.24 -9.26 -22.35
CA LEU A 78 -10.36 -9.27 -21.16
C LEU A 78 -9.50 -10.53 -21.10
N LEU A 79 -8.20 -10.35 -20.90
CA LEU A 79 -7.29 -11.47 -20.74
C LEU A 79 -7.04 -11.68 -19.25
N LEU A 80 -6.78 -12.92 -18.86
CA LEU A 80 -6.64 -13.21 -17.45
C LEU A 80 -5.39 -14.02 -17.17
N ALA A 81 -4.74 -13.69 -16.05
CA ALA A 81 -3.65 -14.50 -15.52
C ALA A 81 -4.06 -14.96 -14.13
N GLN A 82 -3.80 -16.23 -13.82
CA GLN A 82 -4.25 -16.80 -12.55
C GLN A 82 -3.14 -16.84 -11.53
N VAL A 83 -3.47 -16.49 -10.28
CA VAL A 83 -2.56 -16.68 -9.16
C VAL A 83 -2.24 -18.15 -8.99
N ARG A 84 -0.97 -18.46 -8.78
CA ARG A 84 -0.52 -19.82 -8.51
C ARG A 84 -1.31 -20.42 -7.33
N GLU A 85 -1.64 -21.69 -7.43
CA GLU A 85 -2.30 -22.40 -6.34
C GLU A 85 -1.36 -23.51 -5.86
N SER A 86 -1.12 -23.56 -4.55
CA SER A 86 -0.27 -24.58 -3.94
C SER A 86 -0.87 -25.03 -2.60
N ARG A 87 -0.91 -26.33 -2.39
CA ARG A 87 -1.53 -26.91 -1.19
C ARG A 87 -2.96 -26.41 -1.01
N GLY A 88 -3.68 -26.30 -2.11
CA GLY A 88 -5.09 -25.94 -2.08
C GLY A 88 -5.43 -24.48 -1.83
N LYS A 89 -4.45 -23.61 -1.96
CA LYS A 89 -4.67 -22.20 -1.65
C LYS A 89 -3.88 -21.28 -2.57
N ALA A 90 -4.28 -20.02 -2.60
CA ALA A 90 -3.57 -19.06 -3.42
C ALA A 90 -2.19 -18.89 -2.83
N ASN A 91 -1.20 -18.81 -3.72
CA ASN A 91 0.18 -18.63 -3.30
CA ASN A 91 0.20 -18.67 -3.34
C ASN A 91 0.75 -17.39 -3.96
N LEU A 92 1.15 -16.43 -3.14
CA LEU A 92 1.53 -15.12 -3.68
C LEU A 92 3.04 -14.95 -3.84
N THR A 93 3.79 -16.05 -3.84
CA THR A 93 5.25 -15.96 -3.91
C THR A 93 5.80 -15.11 -5.06
N LYS A 94 5.23 -15.25 -6.24
CA LYS A 94 5.76 -14.55 -7.42
C LYS A 94 5.74 -13.02 -7.21
N TYR A 95 4.66 -12.55 -6.59
CA TYR A 95 4.48 -11.11 -6.37
C TYR A 95 5.34 -10.63 -5.21
N ARG A 96 5.52 -11.48 -4.18
CA ARG A 96 6.46 -11.14 -3.10
C ARG A 96 7.88 -11.02 -3.62
N GLU A 97 8.27 -11.92 -4.52
CA GLU A 97 9.62 -11.88 -5.08
C GLU A 97 9.80 -10.65 -5.98
N ALA A 98 8.76 -10.29 -6.73
CA ALA A 98 8.86 -9.11 -7.59
C ALA A 98 8.91 -7.85 -6.74
N SER A 99 8.21 -7.86 -5.61
CA SER A 99 8.26 -6.76 -4.67
C SER A 99 9.70 -6.52 -4.20
N VAL A 100 10.40 -7.61 -3.87
CA VAL A 100 11.78 -7.47 -3.41
C VAL A 100 12.63 -6.83 -4.50
N GLU A 101 12.39 -7.17 -5.76
CA GLU A 101 13.15 -6.56 -6.85
C GLU A 101 13.07 -5.06 -6.80
N VAL A 102 11.87 -4.54 -6.59
CA VAL A 102 11.64 -3.10 -6.60
CA VAL A 102 11.71 -3.10 -6.63
C VAL A 102 12.14 -2.44 -5.32
N MET A 103 11.88 -3.09 -4.17
CA MET A 103 12.33 -2.52 -2.88
C MET A 103 13.86 -2.42 -2.84
N GLU A 104 14.56 -3.41 -3.38
CA GLU A 104 16.02 -3.38 -3.30
C GLU A 104 16.59 -2.26 -4.17
N ILE A 105 15.96 -1.98 -5.30
CA ILE A 105 16.38 -0.83 -6.12
C ILE A 105 16.13 0.51 -5.39
N MET A 106 14.94 0.67 -4.80
CA MET A 106 14.65 1.91 -4.09
C MET A 106 15.63 2.15 -2.93
N SER A 107 16.02 1.08 -2.26
CA SER A 107 16.92 1.17 -1.11
CA SER A 107 16.91 1.19 -1.11
C SER A 107 18.31 1.69 -1.47
N ARG A 108 18.66 1.65 -2.76
CA ARG A 108 19.96 2.20 -3.18
C ARG A 108 19.97 3.72 -3.05
N PHE A 109 18.79 4.33 -3.15
CA PHE A 109 18.71 5.79 -3.15
C PHE A 109 18.55 6.38 -1.75
N ALA A 110 17.87 5.66 -0.88
CA ALA A 110 17.53 6.21 0.42
C ALA A 110 16.90 5.19 1.36
N VAL A 111 16.77 5.61 2.61
CA VAL A 111 16.02 4.87 3.60
C VAL A 111 14.57 4.72 3.16
N ILE A 112 14.08 3.49 3.07
CA ILE A 112 12.68 3.30 2.72
C ILE A 112 11.90 2.57 3.81
N GLU A 113 10.61 2.88 3.83
CA GLU A 113 9.62 2.19 4.64
C GLU A 113 8.68 1.44 3.72
N ARG A 114 8.77 0.12 3.74
CA ARG A 114 7.86 -0.73 2.97
C ARG A 114 6.44 -0.57 3.55
N ALA A 115 5.49 -0.12 2.73
CA ALA A 115 4.16 0.18 3.24
C ALA A 115 3.12 -0.79 2.71
N SER A 116 3.46 -1.48 1.64
CA SER A 116 2.61 -2.55 1.10
C SER A 116 3.50 -3.43 0.23
N ILE A 117 2.92 -4.48 -0.35
CA ILE A 117 3.67 -5.29 -1.31
C ILE A 117 4.17 -4.47 -2.52
N ASP A 118 3.54 -3.33 -2.83
CA ASP A 118 3.95 -2.60 -4.04
C ASP A 118 4.28 -1.12 -3.84
N GLU A 119 4.53 -0.70 -2.59
CA GLU A 119 4.89 0.69 -2.38
C GLU A 119 5.77 0.91 -1.18
N ALA A 120 6.55 1.99 -1.24
CA ALA A 120 7.42 2.36 -0.14
C ALA A 120 7.47 3.87 -0.02
N TYR A 121 7.58 4.35 1.22
CA TYR A 121 7.88 5.76 1.46
C TYR A 121 9.38 5.93 1.46
N VAL A 122 9.83 7.11 1.05
CA VAL A 122 11.23 7.39 0.89
C VAL A 122 11.52 8.72 1.55
N ASP A 123 12.51 8.76 2.43
CA ASP A 123 12.91 10.03 3.06
C ASP A 123 14.10 10.61 2.31
N LEU A 124 13.83 11.60 1.47
CA LEU A 124 14.84 12.13 0.57
C LEU A 124 15.51 13.40 1.10
N THR A 125 15.22 13.76 2.34
CA THR A 125 15.72 15.02 2.89
C THR A 125 17.23 15.12 2.73
N SER A 126 17.96 14.10 3.19
CA SER A 126 19.42 14.09 3.08
C SER A 126 19.94 14.03 1.65
N ALA A 127 19.37 13.14 0.83
CA ALA A 127 19.75 13.04 -0.57
C ALA A 127 19.60 14.38 -1.29
N VAL A 128 18.54 15.13 -0.95
CA VAL A 128 18.29 16.43 -1.55
C VAL A 128 19.35 17.44 -1.14
N GLN A 129 19.70 17.44 0.14
CA GLN A 129 20.75 18.33 0.66
C GLN A 129 22.04 18.18 -0.13
N GLU A 130 22.45 16.94 -0.38
CA GLU A 130 23.71 16.71 -1.06
C GLU A 130 23.66 17.09 -2.54
N ARG A 131 22.56 16.74 -3.21
CA ARG A 131 22.40 17.07 -4.62
C ARG A 131 22.39 18.58 -4.83
N LEU A 132 21.80 19.31 -3.88
CA LEU A 132 21.79 20.77 -3.89
C LEU A 132 23.20 21.34 -3.82
N GLN A 133 24.07 20.68 -3.06
CA GLN A 133 25.47 21.09 -2.96
C GLN A 133 26.22 20.85 -4.27
N LYS A 134 26.00 19.69 -4.87
CA LYS A 134 26.66 19.35 -6.14
C LYS A 134 26.19 20.26 -7.27
N LEU A 135 24.95 20.72 -7.19
CA LEU A 135 24.31 21.44 -8.28
C LEU A 135 24.64 22.93 -8.27
N GLN A 136 25.70 23.30 -7.55
CA GLN A 136 26.13 24.70 -7.45
C GLN A 136 24.98 25.58 -7.04
N GLY A 137 24.58 26.45 -7.97
CA GLY A 137 23.36 27.22 -7.87
C GLY A 137 22.70 27.15 -9.23
N GLN A 138 22.99 26.06 -9.93
CA GLN A 138 22.50 25.83 -11.29
C GLN A 138 20.99 25.65 -11.35
N PRO A 139 20.36 26.27 -12.36
CA PRO A 139 18.92 26.13 -12.57
C PRO A 139 18.55 24.68 -12.84
N ILE A 140 17.31 24.33 -12.55
CA ILE A 140 16.84 22.98 -12.82
C ILE A 140 16.05 22.98 -14.11
N SER A 141 16.53 22.20 -15.07
CA SER A 141 15.94 22.13 -16.40
C SER A 141 14.65 21.30 -16.39
N ALA A 142 13.68 21.66 -17.22
CA ALA A 142 12.46 20.86 -17.30
C ALA A 142 12.76 19.46 -17.83
N ASP A 143 13.90 19.30 -18.52
CA ASP A 143 14.26 18.01 -19.07
C ASP A 143 14.59 17.01 -17.97
N LEU A 144 14.89 17.52 -16.78
CA LEU A 144 15.16 16.63 -15.65
C LEU A 144 13.87 16.13 -15.00
N LEU A 145 12.73 16.68 -15.41
CA LEU A 145 11.43 16.29 -14.82
C LEU A 145 10.43 15.88 -15.90
N PRO A 146 10.81 14.89 -16.72
CA PRO A 146 10.01 14.59 -17.91
C PRO A 146 8.67 13.90 -17.64
N SER A 147 8.42 13.46 -16.39
CA SER A 147 7.13 12.85 -16.09
C SER A 147 6.48 13.42 -14.85
N THR A 148 6.84 14.65 -14.50
CA THR A 148 6.37 15.30 -13.27
C THR A 148 5.23 16.28 -13.54
N TYR A 149 4.21 16.19 -12.69
CA TYR A 149 3.10 17.15 -12.61
C TYR A 149 3.31 17.98 -11.37
N ILE A 150 3.02 19.28 -11.49
CA ILE A 150 3.02 20.17 -10.33
C ILE A 150 1.56 20.44 -9.98
N GLU A 151 1.09 19.87 -8.88
CA GLU A 151 -0.32 19.99 -8.55
C GLU A 151 -0.69 21.47 -8.35
N GLY A 152 -1.80 21.90 -8.96
CA GLY A 152 -2.29 23.28 -8.85
C GLY A 152 -1.92 24.15 -10.05
N LEU A 153 -0.95 23.68 -10.82
CA LEU A 153 -0.48 24.40 -12.02
C LEU A 153 -0.78 23.63 -13.30
N PRO A 154 -0.93 24.35 -14.43
CA PRO A 154 -0.83 25.82 -14.59
C PRO A 154 -2.04 26.55 -14.05
N GLN A 155 -1.86 27.83 -13.77
CA GLN A 155 -2.94 28.70 -13.34
C GLN A 155 -2.76 30.06 -13.99
N GLY A 156 -3.88 30.73 -14.26
CA GLY A 156 -3.84 32.13 -14.64
C GLY A 156 -3.92 32.37 -16.13
N PRO A 157 -3.53 33.59 -16.55
CA PRO A 157 -3.52 34.03 -17.94
C PRO A 157 -2.29 33.56 -18.72
N THR A 163 -3.92 25.22 -23.80
CA THR A 163 -3.57 23.98 -24.47
C THR A 163 -4.62 22.90 -24.18
N VAL A 164 -4.91 22.07 -25.17
CA VAL A 164 -6.01 21.11 -25.05
C VAL A 164 -5.53 19.66 -24.91
N GLN A 165 -4.22 19.48 -24.78
CA GLN A 165 -3.60 18.15 -24.61
C GLN A 165 -3.05 17.99 -23.19
N LYS A 166 -3.11 16.80 -22.62
CA LYS A 166 -2.75 16.69 -21.21
C LYS A 166 -1.23 16.85 -21.01
N GLU A 167 -0.42 16.36 -21.96
CA GLU A 167 1.02 16.60 -21.87
C GLU A 167 1.35 18.08 -22.02
N GLY A 168 0.53 18.80 -22.78
CA GLY A 168 0.70 20.22 -22.95
C GLY A 168 0.46 20.95 -21.64
N MET A 169 -0.61 20.56 -20.97
CA MET A 169 -0.94 21.04 -19.63
C MET A 169 0.17 20.74 -18.64
N ARG A 170 0.67 19.50 -18.66
CA ARG A 170 1.73 19.12 -17.73
C ARG A 170 2.92 20.04 -17.86
N LYS A 171 3.35 20.26 -19.09
CA LYS A 171 4.50 21.10 -19.34
C LYS A 171 4.27 22.54 -18.94
N GLN A 172 3.10 23.09 -19.25
CA GLN A 172 2.83 24.49 -18.93
C GLN A 172 2.93 24.69 -17.42
N GLY A 173 2.36 23.77 -16.66
CA GLY A 173 2.44 23.87 -15.21
C GLY A 173 3.87 23.78 -14.71
N LEU A 174 4.63 22.83 -15.27
CA LEU A 174 6.02 22.65 -14.87
C LEU A 174 6.84 23.92 -15.18
N PHE A 175 6.58 24.50 -16.35
CA PHE A 175 7.26 25.74 -16.75
C PHE A 175 6.98 26.87 -15.75
N GLN A 176 5.72 27.07 -15.39
CA GLN A 176 5.34 28.10 -14.43
C GLN A 176 6.05 27.87 -13.10
N TRP A 177 6.08 26.61 -12.66
CA TRP A 177 6.76 26.25 -11.41
C TRP A 177 8.26 26.58 -11.46
N LEU A 178 8.95 26.08 -12.48
CA LEU A 178 10.39 26.27 -12.56
C LEU A 178 10.72 27.75 -12.75
N ASP A 179 9.88 28.47 -13.50
CA ASP A 179 10.13 29.89 -13.77
C ASP A 179 10.10 30.69 -12.47
N SER A 180 9.30 30.23 -11.53
CA SER A 180 9.12 30.91 -10.24
C SER A 180 10.11 30.49 -9.15
N LEU A 181 10.88 29.44 -9.41
CA LEU A 181 11.75 28.85 -8.39
C LEU A 181 12.98 29.69 -8.07
N GLN A 182 13.29 29.85 -6.78
CA GLN A 182 14.47 30.60 -6.36
C GLN A 182 15.66 29.71 -6.03
N ILE A 183 16.50 29.45 -7.04
CA ILE A 183 17.60 28.49 -6.93
C ILE A 183 18.73 28.95 -6.00
N ASP A 184 18.80 30.24 -5.72
CA ASP A 184 19.87 30.77 -4.88
C ASP A 184 19.72 30.37 -3.42
N ASN A 185 18.51 29.92 -3.06
CA ASN A 185 18.21 29.61 -1.67
C ASN A 185 18.09 28.10 -1.42
N LEU A 186 19.17 27.50 -0.91
CA LEU A 186 19.20 26.06 -0.66
C LEU A 186 18.24 25.64 0.46
N THR A 187 17.66 26.62 1.15
CA THR A 187 16.74 26.34 2.24
C THR A 187 15.26 26.48 1.83
N SER A 188 15.00 26.89 0.58
CA SER A 188 13.62 26.98 0.08
C SER A 188 12.97 25.59 0.03
N PRO A 189 11.87 25.40 0.77
CA PRO A 189 11.14 24.14 0.71
C PRO A 189 10.70 23.77 -0.71
N ASP A 190 10.30 24.74 -1.52
CA ASP A 190 9.84 24.41 -2.87
C ASP A 190 11.00 23.90 -3.71
N LEU A 191 12.16 24.52 -3.54
CA LEU A 191 13.38 24.06 -4.18
C LEU A 191 13.69 22.63 -3.76
N GLN A 192 13.63 22.36 -2.46
CA GLN A 192 13.93 21.03 -1.94
C GLN A 192 13.01 19.96 -2.54
N LEU A 193 11.72 20.27 -2.62
CA LEU A 193 10.75 19.37 -3.25
C LEU A 193 11.08 19.09 -4.71
N THR A 194 11.52 20.13 -5.43
CA THR A 194 11.85 20.01 -6.84
C THR A 194 13.03 19.09 -7.06
N VAL A 195 14.07 19.25 -6.24
CA VAL A 195 15.22 18.37 -6.33
C VAL A 195 14.81 16.96 -5.96
N GLY A 196 13.95 16.85 -4.94
CA GLY A 196 13.40 15.55 -4.56
C GLY A 196 12.73 14.90 -5.75
N ALA A 197 11.97 15.68 -6.52
CA ALA A 197 11.32 15.15 -7.71
C ALA A 197 12.32 14.72 -8.79
N VAL A 198 13.41 15.47 -8.94
CA VAL A 198 14.47 15.03 -9.87
C VAL A 198 14.99 13.64 -9.48
N ILE A 199 15.27 13.45 -8.19
CA ILE A 199 15.76 12.16 -7.68
C ILE A 199 14.72 11.06 -7.91
N VAL A 200 13.44 11.37 -7.74
CA VAL A 200 12.40 10.35 -7.93
C VAL A 200 12.26 9.96 -9.41
N GLU A 201 12.47 10.92 -10.32
CA GLU A 201 12.55 10.57 -11.75
C GLU A 201 13.65 9.54 -11.99
N GLU A 202 14.79 9.75 -11.36
CA GLU A 202 15.94 8.85 -11.48
C GLU A 202 15.62 7.48 -10.88
N MET A 203 14.98 7.48 -9.71
CA MET A 203 14.56 6.24 -9.07
CA MET A 203 14.58 6.24 -9.07
C MET A 203 13.58 5.47 -9.93
N ARG A 204 12.60 6.17 -10.48
CA ARG A 204 11.58 5.51 -11.27
C ARG A 204 12.13 4.99 -12.58
N ALA A 205 13.10 5.69 -13.16
CA ALA A 205 13.76 5.19 -14.38
C ALA A 205 14.54 3.92 -14.07
N ALA A 206 15.24 3.91 -12.93
CA ALA A 206 16.00 2.72 -12.53
C ALA A 206 15.08 1.51 -12.33
N ILE A 207 13.93 1.72 -11.68
CA ILE A 207 13.00 0.61 -11.47
C ILE A 207 12.58 0.06 -12.82
N GLU A 208 12.20 0.96 -13.74
CA GLU A 208 11.68 0.49 -15.02
C GLU A 208 12.78 -0.17 -15.83
N ARG A 209 13.96 0.43 -15.85
CA ARG A 209 15.09 -0.16 -16.59
C ARG A 209 15.48 -1.55 -16.07
N GLU A 210 15.49 -1.72 -14.75
CA GLU A 210 16.03 -2.94 -14.16
C GLU A 210 14.98 -4.03 -13.90
N THR A 211 13.70 -3.68 -13.96
CA THR A 211 12.66 -4.69 -13.73
C THR A 211 11.64 -4.79 -14.84
N GLY A 212 11.49 -3.72 -15.61
CA GLY A 212 10.44 -3.66 -16.61
C GLY A 212 9.13 -3.10 -16.09
N PHE A 213 9.06 -2.82 -14.79
CA PHE A 213 7.82 -2.37 -14.17
C PHE A 213 7.74 -0.84 -14.14
N GLN A 214 6.57 -0.29 -14.48
CA GLN A 214 6.31 1.13 -14.34
C GLN A 214 5.68 1.45 -12.98
N CYS A 215 5.88 2.67 -12.50
CA CYS A 215 5.27 3.07 -11.26
C CYS A 215 4.95 4.55 -11.30
N SER A 216 4.18 4.99 -10.30
CA SER A 216 3.90 6.40 -10.07
C SER A 216 4.47 6.81 -8.73
N ALA A 217 4.54 8.11 -8.46
CA ALA A 217 5.07 8.58 -7.19
C ALA A 217 4.48 9.93 -6.80
N GLY A 218 4.44 10.19 -5.50
CA GLY A 218 4.17 11.53 -5.00
C GLY A 218 5.39 12.05 -4.27
N ILE A 219 5.63 13.36 -4.39
CA ILE A 219 6.71 14.04 -3.68
C ILE A 219 6.09 15.20 -2.92
N SER A 220 6.23 15.19 -1.60
CA SER A 220 5.75 16.29 -0.77
C SER A 220 6.57 16.36 0.51
N HIS A 221 5.99 16.92 1.57
CA HIS A 221 6.73 17.15 2.81
C HIS A 221 6.43 16.11 3.88
N ASN A 222 5.49 15.21 3.61
CA ASN A 222 5.15 14.15 4.57
C ASN A 222 4.50 12.97 3.86
N LYS A 223 4.27 11.89 4.60
CA LYS A 223 3.73 10.67 4.04
C LYS A 223 2.31 10.82 3.47
N VAL A 224 1.42 11.44 4.24
CA VAL A 224 0.04 11.56 3.79
C VAL A 224 -0.07 12.37 2.49
N LEU A 225 0.65 13.48 2.39
CA LEU A 225 0.60 14.26 1.15
C LEU A 225 1.31 13.55 -0.01
N ALA A 226 2.37 12.81 0.27
CA ALA A 226 3.06 12.08 -0.78
C ALA A 226 2.17 10.99 -1.35
N LYS A 227 1.47 10.27 -0.47
CA LYS A 227 0.55 9.23 -0.90
C LYS A 227 -0.61 9.78 -1.72
N LEU A 228 -1.20 10.87 -1.25
CA LEU A 228 -2.28 11.51 -1.98
C LEU A 228 -1.78 11.97 -3.36
N ALA A 229 -0.60 12.59 -3.38
CA ALA A 229 -0.03 13.10 -4.61
C ALA A 229 0.19 12.01 -5.64
N CYS A 230 0.68 10.86 -5.18
CA CYS A 230 0.96 9.72 -6.06
C CYS A 230 -0.26 9.33 -6.92
N GLY A 231 -1.42 9.28 -6.29
CA GLY A 231 -2.62 8.86 -6.99
C GLY A 231 -3.21 9.89 -7.96
N LEU A 232 -2.72 11.12 -7.92
CA LEU A 232 -3.35 12.20 -8.69
C LEU A 232 -3.13 12.06 -10.19
N ASN A 233 -2.03 11.41 -10.59
CA ASN A 233 -1.71 11.29 -12.02
C ASN A 233 -1.22 9.91 -12.45
N LYS A 234 -1.62 8.86 -11.73
CA LYS A 234 -1.44 7.48 -12.16
C LYS A 234 -2.12 7.25 -13.50
N PRO A 235 -1.51 6.41 -14.37
CA PRO A 235 -0.27 5.66 -14.20
C PRO A 235 0.97 6.32 -14.83
N ASN A 236 2.13 5.76 -14.50
CA ASN A 236 3.42 6.14 -15.08
C ASN A 236 3.76 7.63 -15.01
N ARG A 237 3.34 8.31 -13.94
CA ARG A 237 3.63 9.74 -13.76
C ARG A 237 3.92 10.04 -12.29
N GLN A 238 4.59 11.15 -12.01
CA GLN A 238 4.81 11.52 -10.61
C GLN A 238 4.30 12.93 -10.38
N THR A 239 3.88 13.20 -9.15
CA THR A 239 3.22 14.46 -8.84
C THR A 239 3.88 15.12 -7.63
N LEU A 240 4.17 16.43 -7.75
CA LEU A 240 4.74 17.20 -6.64
C LEU A 240 3.60 18.03 -6.03
N VAL A 241 3.37 17.83 -4.73
CA VAL A 241 2.39 18.63 -3.98
C VAL A 241 3.15 19.51 -2.99
N SER A 242 3.20 20.80 -3.30
CA SER A 242 3.89 21.75 -2.45
C SER A 242 3.03 22.15 -1.24
N HIS A 243 3.67 22.72 -0.22
CA HIS A 243 2.93 23.21 0.94
C HIS A 243 1.88 24.22 0.48
N GLY A 244 2.29 25.05 -0.48
CA GLY A 244 1.44 26.12 -0.97
C GLY A 244 0.22 25.64 -1.72
N SER A 245 0.32 24.46 -2.33
CA SER A 245 -0.83 23.89 -3.06
C SER A 245 -1.92 23.37 -2.14
N VAL A 246 -1.65 23.26 -0.85
CA VAL A 246 -2.59 22.52 0.01
C VAL A 246 -3.98 23.17 0.19
N PRO A 247 -4.06 24.50 0.41
CA PRO A 247 -5.41 25.05 0.60
C PRO A 247 -6.38 24.79 -0.55
N GLN A 248 -5.94 24.97 -1.79
CA GLN A 248 -6.84 24.74 -2.90
C GLN A 248 -7.09 23.24 -3.07
N LEU A 249 -6.04 22.45 -2.92
CA LEU A 249 -6.16 20.99 -3.08
C LEU A 249 -7.16 20.44 -2.07
N PHE A 250 -7.04 20.88 -0.82
CA PHE A 250 -7.92 20.36 0.22
C PHE A 250 -9.33 20.94 0.21
N SER A 251 -9.51 22.07 -0.47
CA SER A 251 -10.79 22.77 -0.44
C SER A 251 -11.92 21.97 -1.07
N GLN A 252 -11.61 21.06 -1.99
CA GLN A 252 -12.63 20.20 -2.57
C GLN A 252 -12.31 18.72 -2.42
N MET A 253 -11.40 18.41 -1.51
CA MET A 253 -10.92 17.04 -1.34
C MET A 253 -11.77 16.30 -0.31
N PRO A 254 -12.51 15.28 -0.75
CA PRO A 254 -13.32 14.54 0.23
C PRO A 254 -12.45 13.95 1.34
N ILE A 255 -12.95 13.99 2.57
CA ILE A 255 -12.18 13.57 3.72
C ILE A 255 -11.70 12.11 3.57
N ARG A 256 -12.54 11.25 2.98
CA ARG A 256 -12.19 9.83 2.84
C ARG A 256 -10.98 9.55 1.95
N LYS A 257 -10.54 10.54 1.16
CA LYS A 257 -9.39 10.32 0.30
C LYS A 257 -8.06 10.37 1.02
N ILE A 258 -8.07 10.89 2.25
CA ILE A 258 -6.82 11.05 3.00
C ILE A 258 -6.54 9.75 3.74
N ARG A 259 -5.29 9.30 3.68
CA ARG A 259 -4.89 8.06 4.33
C ARG A 259 -5.29 7.99 5.80
N SER A 260 -6.02 6.93 6.15
CA SER A 260 -6.52 6.61 7.51
C SER A 260 -7.91 7.17 7.77
N LEU A 261 -8.41 8.04 6.88
CA LEU A 261 -9.75 8.60 7.06
C LEU A 261 -10.80 7.96 6.13
N GLY A 262 -10.44 6.83 5.54
CA GLY A 262 -11.34 6.17 4.61
C GLY A 262 -12.36 5.24 5.26
N GLY A 263 -12.31 5.14 6.58
CA GLY A 263 -13.15 4.21 7.31
C GLY A 263 -14.09 4.90 8.29
N LYS A 264 -14.25 4.31 9.47
CA LYS A 264 -15.22 4.82 10.44
C LYS A 264 -14.86 6.19 11.02
N LEU A 265 -13.58 6.45 11.27
CA LEU A 265 -13.18 7.76 11.81
C LEU A 265 -13.54 8.87 10.83
N GLY A 266 -13.20 8.66 9.57
CA GLY A 266 -13.47 9.66 8.55
C GLY A 266 -14.96 9.91 8.49
N ALA A 267 -15.74 8.85 8.63
CA ALA A 267 -17.20 8.99 8.57
C ALA A 267 -17.72 9.78 9.75
N SER A 268 -17.12 9.60 10.93
CA SER A 268 -17.57 10.32 12.11
C SER A 268 -17.14 11.79 12.02
N VAL A 269 -15.98 12.05 11.44
CA VAL A 269 -15.57 13.43 11.20
C VAL A 269 -16.66 14.15 10.40
N ILE A 270 -17.08 13.52 9.30
CA ILE A 270 -18.10 14.07 8.42
C ILE A 270 -19.44 14.28 9.14
N GLU A 271 -19.88 13.25 9.87
CA GLU A 271 -21.15 13.24 10.57
C GLU A 271 -21.22 14.24 11.71
N ILE A 272 -20.25 14.15 12.61
CA ILE A 272 -20.23 14.97 13.81
C ILE A 272 -20.03 16.45 13.48
N LEU A 273 -19.10 16.76 12.55
CA LEU A 273 -18.76 18.15 12.28
C LEU A 273 -19.64 18.75 11.17
N GLY A 274 -20.30 17.90 10.39
CA GLY A 274 -21.15 18.35 9.31
C GLY A 274 -20.35 18.97 8.17
N ILE A 275 -19.25 18.34 7.80
CA ILE A 275 -18.38 18.85 6.74
C ILE A 275 -18.14 17.77 5.70
N GLU A 276 -17.56 18.12 4.55
CA GLU A 276 -17.31 17.14 3.48
C GLU A 276 -15.85 17.06 3.06
N TYR A 277 -15.17 18.20 3.13
CA TYR A 277 -13.85 18.33 2.54
C TYR A 277 -12.80 18.54 3.62
N MET A 278 -11.60 18.04 3.35
CA MET A 278 -10.50 18.16 4.30
C MET A 278 -10.23 19.62 4.74
N GLY A 279 -10.34 20.57 3.82
CA GLY A 279 -9.96 21.95 4.14
C GLY A 279 -10.89 22.54 5.19
N GLU A 280 -12.14 22.08 5.19
CA GLU A 280 -13.11 22.57 6.16
C GLU A 280 -12.68 22.31 7.59
N LEU A 281 -11.79 21.36 7.81
CA LEU A 281 -11.31 21.09 9.16
C LEU A 281 -10.56 22.28 9.81
N THR A 282 -10.09 23.23 9.00
CA THR A 282 -9.29 24.33 9.53
C THR A 282 -10.10 25.25 10.46
N GLN A 283 -11.42 25.17 10.39
CA GLN A 283 -12.32 26.05 11.15
CA GLN A 283 -12.24 26.10 11.15
C GLN A 283 -12.46 25.68 12.61
N PHE A 284 -11.90 24.54 12.99
CA PHE A 284 -12.07 24.05 14.34
C PHE A 284 -10.79 24.20 15.14
N THR A 285 -10.90 24.48 16.44
CA THR A 285 -9.70 24.58 17.25
C THR A 285 -9.16 23.18 17.51
N GLU A 286 -7.90 23.09 17.89
CA GLU A 286 -7.32 21.78 18.19
C GLU A 286 -8.09 21.10 19.32
N SER A 287 -8.44 21.87 20.35
CA SER A 287 -9.19 21.32 21.48
C SER A 287 -10.56 20.82 21.05
N GLN A 288 -11.21 21.52 20.12
CA GLN A 288 -12.49 21.07 19.60
C GLN A 288 -12.33 19.71 18.91
N LEU A 289 -11.29 19.58 18.10
CA LEU A 289 -11.13 18.32 17.39
C LEU A 289 -10.75 17.21 18.38
N GLN A 290 -9.94 17.55 19.36
CA GLN A 290 -9.59 16.58 20.40
C GLN A 290 -10.81 16.15 21.21
N SER A 291 -11.76 17.06 21.42
CA SER A 291 -12.98 16.73 22.18
CA SER A 291 -12.95 16.71 22.20
C SER A 291 -13.83 15.70 21.46
N HIS A 292 -13.85 15.77 20.14
CA HIS A 292 -14.67 14.83 19.37
C HIS A 292 -13.98 13.51 19.10
N PHE A 293 -12.68 13.55 18.81
CA PHE A 293 -12.01 12.41 18.20
C PHE A 293 -10.84 11.88 19.05
N GLY A 294 -10.65 12.46 20.23
CA GLY A 294 -9.59 12.03 21.12
C GLY A 294 -8.34 12.87 20.94
N GLU A 295 -7.41 12.77 21.89
CA GLU A 295 -6.23 13.61 21.90
C GLU A 295 -5.36 13.40 20.68
N LYS A 296 -5.07 12.15 20.37
CA LYS A 296 -4.19 11.82 19.24
C LYS A 296 -4.85 12.16 17.90
N ASN A 297 -6.07 11.68 17.69
CA ASN A 297 -6.73 11.96 16.42
C ASN A 297 -6.98 13.45 16.24
N GLY A 298 -7.32 14.13 17.33
CA GLY A 298 -7.64 15.56 17.24
C GLY A 298 -6.42 16.38 16.79
N SER A 299 -5.29 16.13 17.44
CA SER A 299 -4.05 16.83 17.10
CA SER A 299 -4.06 16.84 17.11
C SER A 299 -3.64 16.50 15.68
N TRP A 300 -3.78 15.22 15.32
CA TRP A 300 -3.39 14.78 13.98
C TRP A 300 -4.24 15.49 12.91
N LEU A 301 -5.56 15.52 13.12
CA LEU A 301 -6.45 16.23 12.20
C LEU A 301 -6.17 17.72 12.12
N TYR A 302 -5.88 18.34 13.26
CA TYR A 302 -5.65 19.78 13.28
C TYR A 302 -4.46 20.15 12.40
N ALA A 303 -3.37 19.38 12.54
CA ALA A 303 -2.19 19.61 11.71
C ALA A 303 -2.38 19.14 10.25
N MET A 304 -3.02 18.00 10.07
CA MET A 304 -3.12 17.44 8.72
C MET A 304 -3.93 18.29 7.77
N CYS A 305 -5.01 18.91 8.26
CA CYS A 305 -5.82 19.74 7.35
C CYS A 305 -5.06 21.01 6.94
N ARG A 306 -3.93 21.29 7.61
CA ARG A 306 -3.05 22.38 7.23
C ARG A 306 -1.86 21.90 6.39
N GLY A 307 -1.83 20.60 6.07
CA GLY A 307 -0.78 20.02 5.25
C GLY A 307 0.41 19.57 6.08
N ILE A 308 0.23 19.51 7.39
CA ILE A 308 1.32 19.21 8.31
C ILE A 308 1.16 17.84 8.96
N GLU A 309 2.21 17.04 8.92
CA GLU A 309 2.16 15.69 9.53
C GLU A 309 3.58 15.26 9.91
N HIS A 310 3.74 14.57 11.03
CA HIS A 310 5.10 14.32 11.53
C HIS A 310 5.53 12.85 11.51
N ASP A 311 4.63 11.96 11.11
CA ASP A 311 4.91 10.51 11.07
C ASP A 311 6.18 10.23 10.29
N PRO A 312 7.22 9.68 10.95
CA PRO A 312 8.47 9.51 10.21
C PRO A 312 8.45 8.32 9.26
N VAL A 313 9.29 8.41 8.23
CA VAL A 313 9.58 7.28 7.35
C VAL A 313 10.39 6.31 8.18
N LYS A 314 9.82 5.15 8.50
CA LYS A 314 10.53 4.19 9.35
C LYS A 314 11.50 3.35 8.53
N PRO A 315 12.70 3.14 9.06
CA PRO A 315 13.69 2.34 8.34
C PRO A 315 13.34 0.84 8.44
N ARG A 316 12.48 0.37 7.54
CA ARG A 316 12.02 -1.02 7.57
C ARG A 316 11.59 -1.45 6.18
N GLN A 317 12.37 -2.36 5.60
CA GLN A 317 12.18 -2.82 4.24
C GLN A 317 11.49 -4.18 4.22
N LEU A 318 11.59 -4.90 5.34
CA LEU A 318 11.06 -6.24 5.47
C LEU A 318 9.75 -6.28 6.26
N PRO A 319 8.84 -7.18 5.86
CA PRO A 319 7.61 -7.42 6.63
C PRO A 319 7.91 -7.76 8.09
N LYS A 320 7.06 -7.31 9.03
CA LYS A 320 7.23 -7.61 10.45
C LYS A 320 6.61 -8.94 10.84
N THR A 321 5.72 -9.44 9.98
CA THR A 321 5.03 -10.69 10.22
C THR A 321 5.01 -11.50 8.94
N ILE A 322 4.86 -12.81 9.08
CA ILE A 322 4.71 -13.68 7.92
C ILE A 322 3.52 -14.59 8.16
N GLY A 323 2.50 -14.45 7.32
CA GLY A 323 1.27 -15.17 7.57
C GLY A 323 0.63 -15.75 6.33
N CYS A 324 -0.26 -16.70 6.57
CA CYS A 324 -1.08 -17.18 5.48
CA CYS A 324 -1.00 -17.41 5.52
C CYS A 324 -2.42 -17.63 6.02
N SER A 325 -3.44 -17.38 5.21
CA SER A 325 -4.80 -17.63 5.64
C SER A 325 -5.63 -18.21 4.51
N LYS A 326 -6.70 -18.89 4.86
CA LYS A 326 -7.66 -19.32 3.87
C LYS A 326 -9.08 -19.15 4.42
N ASN A 327 -9.97 -18.60 3.59
CA ASN A 327 -11.40 -18.54 3.88
C ASN A 327 -12.11 -19.80 3.37
N PHE A 328 -13.19 -20.16 4.05
CA PHE A 328 -14.05 -21.28 3.67
C PHE A 328 -15.50 -20.81 3.74
N PRO A 329 -15.95 -20.07 2.72
CA PRO A 329 -17.26 -19.42 2.79
C PRO A 329 -18.41 -20.37 2.51
N GLY A 330 -19.61 -19.96 2.92
CA GLY A 330 -20.83 -20.70 2.62
C GLY A 330 -20.81 -22.16 3.00
N LYS A 331 -21.27 -22.99 2.08
CA LYS A 331 -21.35 -24.43 2.26
C LYS A 331 -20.01 -25.08 2.60
N THR A 332 -18.92 -24.42 2.21
CA THR A 332 -17.59 -24.99 2.37
C THR A 332 -16.98 -24.82 3.77
N ALA A 333 -17.66 -24.08 4.64
CA ALA A 333 -17.19 -23.90 6.02
C ALA A 333 -16.82 -25.24 6.66
N LEU A 334 -15.67 -25.30 7.33
CA LEU A 334 -15.15 -26.58 7.85
C LEU A 334 -16.00 -27.08 9.02
N ALA A 335 -16.42 -28.34 8.97
CA ALA A 335 -17.36 -28.85 9.96
C ALA A 335 -16.91 -30.14 10.63
N THR A 336 -15.73 -30.63 10.28
CA THR A 336 -15.16 -31.79 10.95
C THR A 336 -13.75 -31.50 11.46
N ARG A 337 -13.41 -32.11 12.60
CA ARG A 337 -12.09 -31.97 13.20
C ARG A 337 -10.98 -32.33 12.22
N GLU A 338 -11.23 -33.35 11.40
CA GLU A 338 -10.24 -33.83 10.44
C GLU A 338 -9.98 -32.79 9.33
N GLN A 339 -11.05 -32.09 8.96
CA GLN A 339 -10.95 -30.99 8.01
C GLN A 339 -10.09 -29.87 8.55
N VAL A 340 -10.38 -29.47 9.78
CA VAL A 340 -9.64 -28.41 10.44
C VAL A 340 -8.17 -28.75 10.52
N GLN A 341 -7.85 -30.00 10.83
CA GLN A 341 -6.46 -30.37 11.01
C GLN A 341 -5.68 -30.41 9.70
N TRP A 342 -6.33 -30.90 8.64
CA TRP A 342 -5.69 -30.98 7.33
C TRP A 342 -5.33 -29.60 6.77
N TRP A 343 -6.27 -28.66 6.88
CA TRP A 343 -6.01 -27.29 6.43
C TRP A 343 -5.02 -26.52 7.31
N LEU A 344 -5.02 -26.79 8.60
CA LEU A 344 -4.00 -26.18 9.46
C LEU A 344 -2.64 -26.69 9.00
N LEU A 345 -2.59 -27.95 8.61
CA LEU A 345 -1.36 -28.50 8.08
C LEU A 345 -0.95 -27.85 6.76
N GLN A 346 -1.91 -27.62 5.87
CA GLN A 346 -1.58 -26.97 4.61
C GLN A 346 -1.01 -25.58 4.86
N LEU A 347 -1.69 -24.79 5.68
CA LEU A 347 -1.21 -23.47 6.04
C LEU A 347 0.19 -23.53 6.69
N ALA A 348 0.36 -24.46 7.62
CA ALA A 348 1.62 -24.58 8.33
C ALA A 348 2.77 -24.99 7.41
N GLN A 349 2.46 -25.76 6.38
CA GLN A 349 3.48 -26.13 5.41
C GLN A 349 3.92 -24.92 4.58
N GLU A 350 2.98 -24.09 4.16
CA GLU A 350 3.36 -22.90 3.40
C GLU A 350 4.19 -21.99 4.29
N LEU A 351 3.74 -21.83 5.53
CA LEU A 351 4.43 -20.98 6.50
C LEU A 351 5.86 -21.46 6.74
N GLU A 352 6.04 -22.77 6.90
CA GLU A 352 7.39 -23.30 7.13
C GLU A 352 8.34 -22.95 5.98
N GLU A 353 7.85 -23.11 4.76
CA GLU A 353 8.63 -22.83 3.58
C GLU A 353 9.03 -21.34 3.53
N ARG A 354 8.06 -20.48 3.84
CA ARG A 354 8.34 -19.04 3.79
C ARG A 354 9.25 -18.63 4.93
N LEU A 355 9.05 -19.22 6.10
CA LEU A 355 9.88 -18.89 7.26
C LEU A 355 11.34 -19.36 7.09
N THR A 356 11.52 -20.55 6.53
CA THR A 356 12.85 -21.10 6.30
C THR A 356 13.60 -20.21 5.33
N LYS A 357 12.92 -19.79 4.26
CA LYS A 357 13.49 -18.87 3.29
C LYS A 357 13.85 -17.55 3.97
N ASP A 358 12.92 -17.02 4.76
CA ASP A 358 13.14 -15.76 5.49
C ASP A 358 14.40 -15.85 6.37
N ARG A 359 14.56 -16.97 7.08
CA ARG A 359 15.68 -17.13 8.00
C ARG A 359 17.01 -17.11 7.26
N ASN A 360 17.06 -17.77 6.11
CA ASN A 360 18.25 -17.80 5.28
C ASN A 360 18.58 -16.44 4.66
N ASP A 361 17.55 -15.75 4.20
CA ASP A 361 17.72 -14.45 3.55
C ASP A 361 18.03 -13.33 4.54
N ASN A 362 17.30 -13.31 5.64
CA ASN A 362 17.25 -12.10 6.47
C ASN A 362 17.79 -12.23 7.89
N ASP A 363 18.43 -13.36 8.20
CA ASP A 363 19.10 -13.53 9.50
C ASP A 363 18.21 -13.21 10.68
N ARG A 364 17.06 -13.87 10.73
CA ARG A 364 16.13 -13.68 11.84
C ARG A 364 15.25 -14.90 11.97
N VAL A 365 14.67 -15.09 13.16
CA VAL A 365 13.70 -16.17 13.36
C VAL A 365 12.45 -15.64 14.08
N ALA A 366 11.29 -16.12 13.65
CA ALA A 366 10.05 -15.80 14.32
C ALA A 366 9.97 -16.61 15.61
N THR A 367 9.40 -16.01 16.65
CA THR A 367 9.35 -16.68 17.95
C THR A 367 7.94 -16.86 18.51
N GLN A 368 6.95 -16.29 17.85
CA GLN A 368 5.57 -16.44 18.27
C GLN A 368 4.67 -16.86 17.12
N LEU A 369 3.73 -17.77 17.39
CA LEU A 369 2.74 -18.19 16.39
C LEU A 369 1.36 -17.70 16.81
N VAL A 370 0.72 -16.93 15.94
CA VAL A 370 -0.64 -16.48 16.21
C VAL A 370 -1.63 -17.27 15.37
N VAL A 371 -2.64 -17.83 16.03
CA VAL A 371 -3.68 -18.60 15.36
C VAL A 371 -4.99 -17.83 15.40
N SER A 372 -5.60 -17.63 14.24
CA SER A 372 -6.84 -16.88 14.15
C SER A 372 -7.88 -17.69 13.37
N ILE A 373 -9.13 -17.65 13.82
CA ILE A 373 -10.22 -18.33 13.12
C ILE A 373 -11.42 -17.39 13.01
N ARG A 374 -12.28 -17.65 12.03
CA ARG A 374 -13.57 -16.97 11.96
C ARG A 374 -14.65 -18.04 12.00
N VAL A 375 -15.72 -17.76 12.74
CA VAL A 375 -16.81 -18.72 12.84
C VAL A 375 -18.00 -18.28 12.01
N GLN A 376 -18.73 -19.26 11.48
CA GLN A 376 -19.92 -18.98 10.67
C GLN A 376 -20.90 -18.06 11.38
N GLY A 377 -21.36 -17.03 10.68
CA GLY A 377 -22.27 -16.06 11.26
C GLY A 377 -21.57 -14.78 11.65
N ASP A 378 -20.31 -14.89 12.05
CA ASP A 378 -19.53 -13.74 12.45
C ASP A 378 -18.93 -13.04 11.23
N LYS A 379 -19.26 -11.76 11.06
CA LYS A 379 -18.78 -11.02 9.90
C LYS A 379 -17.48 -10.27 10.19
N ARG A 380 -16.96 -10.44 11.40
CA ARG A 380 -15.66 -9.88 11.74
C ARG A 380 -14.55 -10.59 10.99
N LEU A 381 -13.44 -9.90 10.76
CA LEU A 381 -12.27 -10.52 10.15
C LEU A 381 -11.86 -11.75 10.96
N SER A 382 -11.73 -11.56 12.27
CA SER A 382 -11.36 -12.63 13.19
C SER A 382 -12.39 -12.77 14.30
N SER A 383 -12.81 -13.99 14.59
CA SER A 383 -13.70 -14.25 15.72
C SER A 383 -12.88 -14.48 16.97
N LEU A 384 -11.64 -14.95 16.78
CA LEU A 384 -10.80 -15.37 17.89
C LEU A 384 -9.32 -15.46 17.50
N ARG A 385 -8.46 -14.96 18.38
CA ARG A 385 -7.01 -15.05 18.23
C ARG A 385 -6.38 -15.70 19.45
N ARG A 386 -5.51 -16.68 19.22
CA ARG A 386 -4.74 -17.32 20.29
C ARG A 386 -3.28 -17.46 19.85
N CYS A 387 -2.35 -17.39 20.80
CA CYS A 387 -0.94 -17.47 20.44
CA CYS A 387 -0.93 -17.45 20.47
C CYS A 387 -0.22 -18.56 21.23
N CYS A 388 0.87 -19.06 20.65
CA CYS A 388 1.73 -19.99 21.36
C CYS A 388 3.16 -19.75 20.93
N ALA A 389 4.10 -20.45 21.55
CA ALA A 389 5.50 -20.27 21.21
C ALA A 389 5.81 -20.95 19.89
N LEU A 390 6.58 -20.26 19.05
CA LEU A 390 7.08 -20.83 17.82
C LEU A 390 8.56 -21.16 18.04
N THR A 391 8.86 -22.42 18.29
CA THR A 391 10.20 -22.80 18.71
C THR A 391 10.93 -23.59 17.63
N ARG A 392 10.17 -24.09 16.66
CA ARG A 392 10.73 -24.91 15.59
C ARG A 392 10.01 -24.63 14.29
N TYR A 393 10.78 -24.47 13.22
CA TYR A 393 10.23 -24.32 11.88
C TYR A 393 9.82 -25.70 11.37
N ASP A 394 8.74 -26.22 11.94
CA ASP A 394 8.27 -27.55 11.60
C ASP A 394 6.77 -27.51 11.41
N ALA A 395 6.33 -27.82 10.20
CA ALA A 395 4.92 -27.67 9.84
C ALA A 395 4.00 -28.53 10.71
N HIS A 396 4.42 -29.75 11.01
CA HIS A 396 3.54 -30.63 11.81
C HIS A 396 3.42 -30.14 13.24
N LYS A 397 4.53 -29.68 13.82
CA LYS A 397 4.46 -29.10 15.16
C LYS A 397 3.64 -27.82 15.19
N MET A 398 3.83 -26.94 14.20
CA MET A 398 3.08 -25.70 14.18
C MET A 398 1.57 -25.96 14.04
N SER A 399 1.20 -26.88 13.14
CA SER A 399 -0.21 -27.21 12.94
C SER A 399 -0.81 -27.91 14.16
N HIS A 400 -0.03 -28.79 14.78
CA HIS A 400 -0.46 -29.44 16.03
C HIS A 400 -0.68 -28.40 17.14
N ASP A 401 0.29 -27.50 17.30
CA ASP A 401 0.20 -26.46 18.33
C ASP A 401 -0.99 -25.54 18.08
N ALA A 402 -1.21 -25.20 16.81
CA ALA A 402 -2.31 -24.33 16.44
C ALA A 402 -3.63 -24.97 16.82
N PHE A 403 -3.72 -26.27 16.56
CA PHE A 403 -4.96 -26.98 16.89
C PHE A 403 -5.17 -26.96 18.39
N THR A 404 -4.12 -27.29 19.13
CA THR A 404 -4.14 -27.28 20.58
C THR A 404 -4.73 -26.00 21.17
N VAL A 405 -4.31 -24.84 20.67
CA VAL A 405 -4.76 -23.60 21.29
C VAL A 405 -6.15 -23.18 20.83
N ILE A 406 -6.69 -23.81 19.78
CA ILE A 406 -8.06 -23.49 19.34
C ILE A 406 -9.08 -24.62 19.52
N LYS A 407 -8.60 -25.84 19.74
CA LYS A 407 -9.47 -27.02 19.74
C LYS A 407 -10.66 -26.94 20.72
N ASN A 408 -10.54 -26.08 21.72
CA ASN A 408 -11.59 -25.91 22.70
C ASN A 408 -12.68 -24.93 22.26
N CYS A 409 -12.54 -24.39 21.05
CA CYS A 409 -13.55 -23.51 20.48
C CYS A 409 -14.73 -24.36 20.02
N ASN A 410 -14.41 -25.62 19.73
CA ASN A 410 -15.36 -26.60 19.25
C ASN A 410 -16.46 -26.92 20.27
N THR A 411 -17.67 -26.43 20.03
CA THR A 411 -18.78 -26.63 20.94
C THR A 411 -19.51 -27.95 20.71
N SER A 412 -19.11 -28.69 19.67
CA SER A 412 -19.79 -29.93 19.31
C SER A 412 -19.70 -30.99 20.39
N GLY A 413 -20.73 -31.83 20.48
CA GLY A 413 -20.72 -32.98 21.36
C GLY A 413 -19.87 -34.09 20.77
N ILE A 414 -20.18 -34.47 19.54
CA ILE A 414 -19.34 -35.40 18.80
C ILE A 414 -18.02 -34.73 18.51
N GLN A 415 -16.93 -35.33 18.97
CA GLN A 415 -15.61 -34.69 18.87
C GLN A 415 -15.03 -34.78 17.46
N THR A 416 -15.57 -35.69 16.64
CA THR A 416 -15.12 -35.81 15.25
C THR A 416 -15.71 -34.70 14.40
N GLU A 417 -16.70 -34.01 14.96
CA GLU A 417 -17.32 -32.89 14.27
C GLU A 417 -16.87 -31.57 14.89
N TRP A 418 -16.95 -30.51 14.09
CA TRP A 418 -16.60 -29.18 14.58
C TRP A 418 -17.79 -28.25 14.44
N SER A 419 -18.13 -27.58 15.54
CA SER A 419 -19.18 -26.56 15.50
C SER A 419 -18.81 -25.40 16.42
N PRO A 420 -19.21 -24.17 16.04
CA PRO A 420 -19.84 -23.84 14.75
C PRO A 420 -18.81 -23.93 13.63
N PRO A 421 -19.25 -24.20 12.39
CA PRO A 421 -18.31 -24.38 11.29
C PRO A 421 -17.37 -23.19 11.12
N LEU A 422 -16.16 -23.43 10.63
CA LEU A 422 -15.14 -22.39 10.54
C LEU A 422 -15.07 -21.80 9.14
N THR A 423 -15.22 -20.48 9.05
CA THR A 423 -15.19 -19.81 7.76
C THR A 423 -13.81 -19.23 7.44
N MET A 424 -12.87 -19.37 8.37
CA MET A 424 -11.48 -18.91 8.12
C MET A 424 -10.47 -19.52 9.07
N LEU A 425 -9.30 -19.85 8.53
CA LEU A 425 -8.14 -20.22 9.33
C LEU A 425 -6.98 -19.29 8.96
N PHE A 426 -6.15 -18.94 9.94
CA PHE A 426 -5.09 -17.95 9.73
C PHE A 426 -3.92 -18.25 10.66
N LEU A 427 -2.74 -18.48 10.09
CA LEU A 427 -1.53 -18.66 10.89
C LEU A 427 -0.59 -17.52 10.61
N CYS A 428 -0.08 -16.89 11.67
CA CYS A 428 0.82 -15.76 11.50
C CYS A 428 2.05 -15.92 12.38
N ALA A 429 3.24 -15.87 11.76
CA ALA A 429 4.48 -15.93 12.51
C ALA A 429 4.94 -14.52 12.84
N THR A 430 5.23 -14.28 14.12
CA THR A 430 5.52 -12.93 14.62
C THR A 430 6.68 -12.89 15.62
N LYS A 431 7.03 -11.69 16.06
CA LYS A 431 8.08 -11.46 17.06
C LYS A 431 9.43 -12.05 16.63
N PHE A 432 9.96 -11.49 15.56
CA PHE A 432 11.24 -11.92 15.02
C PHE A 432 12.40 -11.49 15.93
N SER A 433 13.42 -12.35 16.02
CA SER A 433 14.65 -12.02 16.71
C SER A 433 15.84 -12.37 15.82
N ALA A 434 16.96 -11.70 16.04
CA ALA A 434 18.16 -11.90 15.21
C ALA A 434 18.68 -13.34 15.27
N SER A 435 19.16 -13.85 14.15
CA SER A 435 19.65 -15.23 14.08
C SER A 435 20.91 -15.32 13.24
#